data_5MZP
#
_entry.id   5MZP
#
_cell.length_a   39.442
_cell.length_b   179.870
_cell.length_c   139.640
_cell.angle_alpha   90.00
_cell.angle_beta   90.00
_cell.angle_gamma   90.00
#
_symmetry.space_group_name_H-M   'C 2 2 21'
#
loop_
_entity.id
_entity.type
_entity.pdbx_description
1 polymer 'Adenosine receptor A2a,Soluble cytochrome b562,Adenosine receptor A2a'
2 non-polymer 'SODIUM ION'
3 non-polymer CAFFEINE
4 non-polymer CHOLESTEROL
5 non-polymer 'OLEIC ACID'
6 non-polymer '(2R)-2,3-dihydroxypropyl (9Z)-octadec-9-enoate'
7 non-polymer 'D(-)-TARTARIC ACID'
8 water water
#
_entity_poly.entity_id   1
_entity_poly.type   'polypeptide(L)'
_entity_poly.pdbx_seq_one_letter_code
;DYKDDDDGAPPIMGSSVYITVELAIAVLAILGNVLVCWAVWLNSNLQNVTNYFVVSLAAADILVGVLAIPFAITISTGFC
AACHGCLFIACFVLVLAQSSIFSLLAIAIDRYIAIAIPLRYNGLVTGTRAAGIIAICWVLSFAIGLTPMLGWNNCGQPKE
GKAHSQGCGEGQVACLFEDVVPMNYMVYFNFFACVLVPLLLMLGVYLRIFAAARRQLADLEDNWETLNDNLKVIEKADNA
AQVKDALTKMRAAALDAQKATPPKLEDKSPDSPEMKDFRHGFDILVGQIDDALKLANEGKVKEAQAAAEQLKTTRNAYIQ
KYLERARSTLQKEVHAAKSAAIIAGLFALCWLPLHIINCFTFFCPDCSHAPLWLMYLAIVLAHTNSVVNPFIYAYRIREF
RQTFRKIIRSHVLRQQEPFKAAAHHHHHHHHHH
;
_entity_poly.pdbx_strand_id   A
#
# COMPACT_ATOMS: atom_id res chain seq x y z
N ALA A 9 -1.75 17.69 40.75
CA ALA A 9 -0.41 18.04 40.27
C ALA A 9 -0.49 19.16 39.24
N PRO A 10 0.53 20.01 39.18
CA PRO A 10 0.56 21.09 38.19
C PRO A 10 0.43 20.55 36.78
N PRO A 11 -0.44 21.15 36.00
CA PRO A 11 -0.69 20.71 34.63
C PRO A 11 0.54 20.70 33.72
N ILE A 12 1.50 21.58 33.94
CA ILE A 12 2.67 21.69 33.07
C ILE A 12 3.60 20.50 33.22
N MET A 13 3.56 19.75 34.32
CA MET A 13 4.37 18.57 34.48
C MET A 13 3.92 17.47 33.52
N GLY A 14 2.65 17.14 33.54
CA GLY A 14 2.07 16.14 32.65
C GLY A 14 2.19 16.60 31.21
N SER A 15 1.97 17.88 30.97
CA SER A 15 2.13 18.45 29.66
C SER A 15 3.56 18.32 29.21
N SER A 16 4.53 18.52 30.09
CA SER A 16 5.92 18.45 29.70
C SER A 16 6.26 17.10 29.14
N VAL A 17 5.80 16.03 29.75
CA VAL A 17 6.08 14.72 29.23
C VAL A 17 5.45 14.52 27.83
N TYR A 18 4.20 14.92 27.67
CA TYR A 18 3.49 14.80 26.41
C TYR A 18 4.15 15.65 25.35
N ILE A 19 4.53 16.85 25.73
CA ILE A 19 5.15 17.76 24.78
C ILE A 19 6.51 17.27 24.33
N THR A 20 7.30 16.79 25.26
CA THR A 20 8.63 16.28 24.92
C THR A 20 8.54 15.08 23.99
N VAL A 21 7.61 14.18 24.25
CA VAL A 21 7.41 13.02 23.37
C VAL A 21 6.97 13.47 21.99
N GLU A 22 6.08 14.46 21.93
CA GLU A 22 5.61 14.96 20.63
C GLU A 22 6.76 15.53 19.82
N LEU A 23 7.62 16.30 20.45
CA LEU A 23 8.77 16.89 19.76
C LEU A 23 9.74 15.82 19.29
N ALA A 24 9.97 14.81 20.09
CA ALA A 24 10.83 13.71 19.68
C ALA A 24 10.24 12.96 18.49
N ILE A 25 8.92 12.82 18.43
CA ILE A 25 8.27 12.17 17.31
C ILE A 25 8.40 13.04 16.06
N ALA A 26 8.24 14.34 16.24
CA ALA A 26 8.32 15.27 15.14
C ALA A 26 9.69 15.24 14.47
N VAL A 27 10.73 15.19 15.28
CA VAL A 27 12.08 15.14 14.76
C VAL A 27 12.32 13.90 13.92
N LEU A 28 11.90 12.76 14.45
CA LEU A 28 12.04 11.49 13.78
C LEU A 28 11.24 11.40 12.48
N ALA A 29 10.03 11.94 12.51
CA ALA A 29 9.16 11.94 11.36
C ALA A 29 9.77 12.77 10.24
N ILE A 30 10.30 13.92 10.58
CA ILE A 30 10.92 14.74 9.58
C ILE A 30 12.16 14.14 8.98
N LEU A 31 13.04 13.61 9.82
CA LEU A 31 14.28 13.08 9.34
C LEU A 31 14.10 11.87 8.49
N GLY A 32 13.25 10.97 8.95
CA GLY A 32 13.07 9.71 8.25
C GLY A 32 12.44 9.88 6.89
N ASN A 33 11.42 10.73 6.80
CA ASN A 33 10.70 10.87 5.54
C ASN A 33 11.39 11.81 4.57
N VAL A 34 12.17 12.78 5.09
CA VAL A 34 13.05 13.55 4.22
C VAL A 34 14.05 12.62 3.54
N LEU A 35 14.53 11.61 4.27
CA LEU A 35 15.42 10.62 3.69
C LEU A 35 14.72 9.79 2.60
N VAL A 36 13.44 9.48 2.80
CA VAL A 36 12.68 8.77 1.77
C VAL A 36 12.60 9.60 0.50
N CYS A 37 12.24 10.88 0.64
CA CYS A 37 12.12 11.76 -0.53
C CYS A 37 13.46 11.95 -1.21
N TRP A 38 14.54 12.04 -0.43
N TRP A 38 14.54 12.07 -0.44
CA TRP A 38 15.87 12.21 -0.99
CA TRP A 38 15.87 12.21 -1.05
C TRP A 38 16.35 10.95 -1.71
C TRP A 38 16.27 10.95 -1.79
N ALA A 39 15.90 9.77 -1.26
CA ALA A 39 16.28 8.54 -1.94
C ALA A 39 15.58 8.38 -3.28
N VAL A 40 14.29 8.72 -3.32
CA VAL A 40 13.55 8.63 -4.58
C VAL A 40 14.05 9.67 -5.58
N TRP A 41 14.40 10.87 -5.10
CA TRP A 41 14.90 11.90 -5.99
C TRP A 41 16.23 11.50 -6.63
N LEU A 42 17.08 10.81 -5.88
CA LEU A 42 18.44 10.53 -6.35
C LEU A 42 18.54 9.22 -7.13
N ASN A 43 17.72 8.22 -6.82
CA ASN A 43 17.84 6.90 -7.43
C ASN A 43 16.76 6.75 -8.50
N SER A 44 17.18 6.65 -9.76
CA SER A 44 16.23 6.44 -10.84
C SER A 44 15.57 5.06 -10.78
N ASN A 45 16.23 4.08 -10.15
CA ASN A 45 15.60 2.78 -9.94
C ASN A 45 14.46 2.85 -8.94
N LEU A 46 14.36 3.93 -8.16
CA LEU A 46 13.24 4.15 -7.26
C LEU A 46 12.19 5.08 -7.85
N GLN A 47 12.37 5.54 -9.09
CA GLN A 47 11.46 6.50 -9.71
C GLN A 47 10.45 5.74 -10.56
N ASN A 48 9.39 5.28 -9.89
CA ASN A 48 8.28 4.62 -10.53
C ASN A 48 6.98 5.17 -9.94
N VAL A 49 5.85 4.76 -10.51
CA VAL A 49 4.55 5.26 -10.06
C VAL A 49 4.31 4.89 -8.60
N THR A 50 4.66 3.65 -8.23
CA THR A 50 4.43 3.19 -6.87
C THR A 50 5.12 4.11 -5.87
N ASN A 51 6.36 4.49 -6.14
CA ASN A 51 7.12 5.32 -5.21
C ASN A 51 6.74 6.79 -5.28
N TYR A 52 5.96 7.21 -6.29
CA TYR A 52 5.44 8.57 -6.28
C TYR A 52 4.37 8.73 -5.20
N PHE A 53 3.53 7.71 -5.03
CA PHE A 53 2.60 7.73 -3.91
C PHE A 53 3.33 7.54 -2.58
N VAL A 54 4.47 6.86 -2.59
CA VAL A 54 5.30 6.75 -1.38
C VAL A 54 5.83 8.12 -0.98
N VAL A 55 6.24 8.92 -1.97
CA VAL A 55 6.72 10.27 -1.69
C VAL A 55 5.59 11.15 -1.18
N SER A 56 4.42 11.08 -1.81
CA SER A 56 3.27 11.81 -1.31
C SER A 56 2.95 11.41 0.12
N LEU A 57 3.05 10.11 0.41
CA LEU A 57 2.85 9.63 1.78
C LEU A 57 3.92 10.19 2.71
N ALA A 58 5.18 10.25 2.26
CA ALA A 58 6.24 10.83 3.07
C ALA A 58 6.05 12.33 3.24
N ALA A 59 5.53 13.02 2.23
CA ALA A 59 5.26 14.45 2.37
C ALA A 59 4.24 14.71 3.45
N ALA A 60 3.21 13.86 3.54
CA ALA A 60 2.21 14.01 4.59
C ALA A 60 2.83 13.79 5.97
N ASP A 61 3.79 12.86 6.05
CA ASP A 61 4.44 12.59 7.33
C ASP A 61 5.40 13.71 7.72
N ILE A 62 6.04 14.34 6.74
CA ILE A 62 6.88 15.50 7.04
C ILE A 62 6.03 16.64 7.59
N LEU A 63 4.84 16.85 7.02
CA LEU A 63 3.94 17.89 7.50
C LEU A 63 3.37 17.58 8.87
N VAL A 64 3.28 16.29 9.24
CA VAL A 64 2.89 15.95 10.61
C VAL A 64 3.91 16.50 11.59
N GLY A 65 5.19 16.34 11.29
CA GLY A 65 6.22 16.83 12.20
C GLY A 65 6.36 18.34 12.18
N VAL A 66 6.20 18.94 11.01
CA VAL A 66 6.42 20.38 10.89
C VAL A 66 5.20 21.16 11.38
N LEU A 67 3.99 20.67 11.11
CA LEU A 67 2.78 21.44 11.39
C LEU A 67 1.83 20.74 12.35
N ALA A 68 1.45 19.49 12.09
CA ALA A 68 0.39 18.86 12.87
C ALA A 68 0.79 18.66 14.33
N ILE A 69 2.06 18.34 14.58
CA ILE A 69 2.52 18.11 15.95
C ILE A 69 2.63 19.44 16.69
N PRO A 70 3.23 20.50 16.12
CA PRO A 70 3.12 21.81 16.77
C PRO A 70 1.68 22.27 16.98
N PHE A 71 0.76 21.92 16.08
CA PHE A 71 -0.64 22.28 16.24
C PHE A 71 -1.23 21.51 17.42
N ALA A 72 -0.89 20.23 17.54
CA ALA A 72 -1.40 19.42 18.64
C ALA A 72 -0.85 19.89 19.98
N ILE A 73 0.42 20.30 20.02
CA ILE A 73 0.98 20.85 21.24
C ILE A 73 0.25 22.13 21.62
N THR A 74 -0.06 22.97 20.64
CA THR A 74 -0.73 24.24 20.90
C THR A 74 -2.15 24.01 21.44
N ILE A 75 -2.90 23.10 20.81
CA ILE A 75 -4.28 22.89 21.21
C ILE A 75 -4.41 22.17 22.53
N SER A 76 -3.33 21.55 23.02
CA SER A 76 -3.36 20.93 24.34
C SER A 76 -3.37 21.96 25.46
N THR A 77 -3.00 23.21 25.16
CA THR A 77 -2.96 24.26 26.18
C THR A 77 -4.32 24.90 26.44
N GLY A 78 -5.28 24.74 25.53
CA GLY A 78 -6.55 25.41 25.69
C GLY A 78 -6.48 26.91 25.57
N PHE A 79 -5.51 27.43 24.82
CA PHE A 79 -5.30 28.85 24.71
C PHE A 79 -6.50 29.53 24.05
N CYS A 80 -6.65 30.83 24.32
CA CYS A 80 -7.75 31.60 23.76
C CYS A 80 -7.50 31.87 22.28
N ALA A 81 -8.53 31.67 21.45
CA ALA A 81 -8.39 31.84 20.02
C ALA A 81 -9.77 32.02 19.40
N ALA A 82 -9.79 32.73 18.27
CA ALA A 82 -11.00 32.74 17.45
C ALA A 82 -11.35 31.32 17.04
N CYS A 83 -12.63 30.99 17.12
CA CYS A 83 -13.04 29.59 17.02
C CYS A 83 -12.65 28.97 15.67
N HIS A 84 -12.77 29.74 14.59
CA HIS A 84 -12.43 29.18 13.28
C HIS A 84 -10.93 29.03 13.08
N GLY A 85 -10.16 29.83 13.79
CA GLY A 85 -8.72 29.70 13.77
C GLY A 85 -8.36 28.43 14.52
N CYS A 86 -9.04 28.21 15.62
CA CYS A 86 -8.86 27.03 16.41
C CYS A 86 -9.22 25.77 15.60
N LEU A 87 -10.28 25.86 14.82
CA LEU A 87 -10.71 24.77 14.00
C LEU A 87 -9.65 24.35 13.01
N PHE A 88 -8.96 25.30 12.40
CA PHE A 88 -7.92 24.96 11.45
C PHE A 88 -6.79 24.20 12.13
N ILE A 89 -6.43 24.66 13.30
CA ILE A 89 -5.43 24.08 14.17
C ILE A 89 -5.85 22.66 14.55
N ALA A 90 -7.12 22.43 14.79
CA ALA A 90 -7.64 21.12 15.10
C ALA A 90 -7.82 20.21 13.88
N CYS A 91 -8.17 20.74 12.74
CA CYS A 91 -8.47 19.91 11.58
C CYS A 91 -7.36 19.58 10.59
N PHE A 92 -6.27 20.30 10.66
CA PHE A 92 -5.24 20.13 9.62
C PHE A 92 -4.65 18.72 9.65
N VAL A 93 -4.52 18.11 10.83
CA VAL A 93 -4.01 16.75 10.90
C VAL A 93 -4.96 15.78 10.18
N LEU A 94 -6.25 16.11 10.12
CA LEU A 94 -7.20 15.27 9.40
C LEU A 94 -6.98 15.34 7.90
N VAL A 95 -6.45 16.45 7.43
CA VAL A 95 -6.12 16.58 6.03
C VAL A 95 -4.95 15.63 5.73
N LEU A 96 -3.96 15.61 6.60
CA LEU A 96 -2.79 14.77 6.36
C LEU A 96 -3.15 13.29 6.47
N ALA A 97 -3.98 12.92 7.44
CA ALA A 97 -4.40 11.54 7.57
C ALA A 97 -5.20 11.09 6.35
N GLN A 98 -6.05 11.97 5.83
CA GLN A 98 -6.84 11.65 4.64
C GLN A 98 -5.97 11.42 3.43
N SER A 99 -4.94 12.25 3.29
CA SER A 99 -4.00 12.15 2.20
C SER A 99 -3.25 10.85 2.28
N SER A 100 -2.84 10.47 3.48
CA SER A 100 -2.17 9.19 3.67
C SER A 100 -3.07 8.04 3.25
N ILE A 101 -4.36 8.12 3.56
CA ILE A 101 -5.30 7.07 3.20
C ILE A 101 -5.41 6.95 1.69
N PHE A 102 -5.51 8.07 1.00
CA PHE A 102 -5.57 8.05 -0.44
C PHE A 102 -4.30 7.43 -1.04
N SER A 103 -3.14 7.78 -0.51
CA SER A 103 -1.90 7.22 -1.01
C SER A 103 -1.81 5.72 -0.76
N LEU A 104 -2.22 5.28 0.44
CA LEU A 104 -2.18 3.86 0.76
C LEU A 104 -3.12 3.07 -0.15
N LEU A 105 -4.31 3.62 -0.44
CA LEU A 105 -5.23 2.94 -1.35
C LEU A 105 -4.69 2.93 -2.77
N ALA A 106 -4.04 4.01 -3.19
CA ALA A 106 -3.47 4.06 -4.52
C ALA A 106 -2.34 3.04 -4.69
N ILE A 107 -1.51 2.89 -3.67
CA ILE A 107 -0.42 1.90 -3.72
C ILE A 107 -1.00 0.50 -3.85
N ALA A 108 -2.08 0.20 -3.12
CA ALA A 108 -2.69 -1.12 -3.20
C ALA A 108 -3.26 -1.37 -4.60
N ILE A 109 -3.96 -0.38 -5.16
CA ILE A 109 -4.50 -0.53 -6.50
C ILE A 109 -3.38 -0.67 -7.52
N ASP A 110 -2.30 0.09 -7.34
CA ASP A 110 -1.17 0.00 -8.26
C ASP A 110 -0.56 -1.39 -8.27
N ARG A 111 -0.45 -2.03 -7.10
CA ARG A 111 0.14 -3.36 -7.05
C ARG A 111 -0.82 -4.42 -7.60
N TYR A 112 -2.13 -4.19 -7.47
CA TYR A 112 -3.09 -5.12 -8.08
C TYR A 112 -3.03 -5.06 -9.59
N ILE A 113 -2.93 -3.85 -10.16
CA ILE A 113 -2.85 -3.73 -11.62
C ILE A 113 -1.58 -4.40 -12.13
N ALA A 114 -0.48 -4.26 -11.39
CA ALA A 114 0.79 -4.83 -11.84
C ALA A 114 0.78 -6.35 -11.82
N ILE A 115 -0.03 -6.96 -10.95
CA ILE A 115 0.00 -8.40 -10.78
C ILE A 115 -1.14 -9.05 -11.55
N ALA A 116 -2.24 -8.32 -11.75
CA ALA A 116 -3.40 -8.88 -12.43
C ALA A 116 -3.33 -8.68 -13.94
N ILE A 117 -2.86 -7.52 -14.39
CA ILE A 117 -2.75 -7.25 -15.83
C ILE A 117 -1.38 -6.66 -16.13
N PRO A 118 -0.29 -7.41 -15.95
CA PRO A 118 1.05 -6.84 -16.17
C PRO A 118 1.33 -6.47 -17.61
N LEU A 119 0.59 -7.03 -18.58
CA LEU A 119 0.86 -6.73 -19.98
C LEU A 119 0.41 -5.31 -20.35
N ARG A 120 -0.55 -4.76 -19.62
CA ARG A 120 -1.05 -3.42 -19.89
C ARG A 120 -0.82 -2.46 -18.73
N TYR A 121 0.09 -2.80 -17.81
CA TYR A 121 0.35 -1.93 -16.68
C TYR A 121 1.08 -0.66 -17.12
N ASN A 122 2.13 -0.81 -17.92
CA ASN A 122 2.92 0.36 -18.32
C ASN A 122 2.11 1.34 -19.17
N GLY A 123 1.16 0.83 -19.95
CA GLY A 123 0.33 1.71 -20.76
C GLY A 123 -0.80 2.35 -19.98
N LEU A 124 -1.24 1.71 -18.89
CA LEU A 124 -2.35 2.21 -18.09
C LEU A 124 -1.88 3.11 -16.96
N VAL A 125 -0.81 2.73 -16.28
CA VAL A 125 -0.34 3.43 -15.09
C VAL A 125 0.95 4.16 -15.47
N THR A 126 0.86 5.47 -15.65
CA THR A 126 1.99 6.30 -16.04
C THR A 126 2.29 7.33 -14.96
N GLY A 127 3.47 7.94 -15.07
CA GLY A 127 3.88 8.92 -14.08
C GLY A 127 3.06 10.20 -14.15
N THR A 128 2.71 10.62 -15.36
CA THR A 128 1.91 11.84 -15.51
C THR A 128 0.52 11.67 -14.92
N ARG A 129 -0.12 10.52 -15.16
CA ARG A 129 -1.42 10.27 -14.56
C ARG A 129 -1.33 10.14 -13.05
N ALA A 130 -0.24 9.55 -12.56
CA ALA A 130 -0.05 9.42 -11.11
C ALA A 130 0.03 10.80 -10.45
N ALA A 131 0.80 11.72 -11.05
CA ALA A 131 0.91 13.07 -10.49
C ALA A 131 -0.45 13.76 -10.47
N GLY A 132 -1.27 13.52 -11.50
CA GLY A 132 -2.61 14.09 -11.50
C GLY A 132 -3.49 13.49 -10.42
N ILE A 133 -3.35 12.19 -10.19
CA ILE A 133 -4.11 11.55 -9.11
C ILE A 133 -3.66 12.09 -7.75
N ILE A 134 -2.35 12.27 -7.57
CA ILE A 134 -1.84 12.78 -6.31
C ILE A 134 -2.38 14.18 -6.03
N ALA A 135 -2.39 15.03 -7.06
CA ALA A 135 -2.91 16.39 -6.89
C ALA A 135 -4.39 16.38 -6.52
N ILE A 136 -5.18 15.54 -7.19
CA ILE A 136 -6.61 15.47 -6.90
C ILE A 136 -6.84 14.97 -5.48
N CYS A 137 -6.09 13.97 -5.06
CA CYS A 137 -6.24 13.42 -3.74
C CYS A 137 -5.90 14.42 -2.63
N TRP A 138 -4.93 15.29 -2.86
CA TRP A 138 -4.58 16.33 -1.92
C TRP A 138 -5.71 17.35 -1.80
N VAL A 139 -6.33 17.72 -2.90
CA VAL A 139 -7.44 18.64 -2.89
C VAL A 139 -8.61 18.02 -2.13
N LEU A 140 -8.86 16.76 -2.37
CA LEU A 140 -9.92 16.02 -1.69
C LEU A 140 -9.63 15.92 -0.20
N SER A 141 -8.37 15.73 0.16
CA SER A 141 -7.99 15.66 1.54
C SER A 141 -8.27 16.94 2.29
N PHE A 142 -8.00 18.09 1.65
CA PHE A 142 -8.26 19.37 2.24
C PHE A 142 -9.76 19.53 2.46
N ALA A 143 -10.56 19.14 1.47
CA ALA A 143 -12.00 19.23 1.57
C ALA A 143 -12.58 18.37 2.67
N ILE A 144 -12.15 17.13 2.74
CA ILE A 144 -12.61 16.23 3.76
C ILE A 144 -12.20 16.63 5.17
N GLY A 145 -10.92 16.95 5.32
CA GLY A 145 -10.35 17.26 6.60
C GLY A 145 -10.77 18.59 7.15
N LEU A 146 -11.02 19.53 6.28
CA LEU A 146 -11.46 20.86 6.71
C LEU A 146 -12.96 21.06 6.57
N THR A 147 -13.72 19.97 6.39
CA THR A 147 -15.18 20.07 6.38
C THR A 147 -15.75 20.79 7.60
N PRO A 148 -15.25 20.59 8.83
CA PRO A 148 -15.75 21.41 9.95
C PRO A 148 -15.66 22.91 9.70
N MET A 149 -14.67 23.38 8.95
N MET A 149 -14.66 23.37 8.94
CA MET A 149 -14.55 24.81 8.65
CA MET A 149 -14.54 24.80 8.64
C MET A 149 -15.63 25.29 7.69
C MET A 149 -15.72 25.32 7.85
N LEU A 150 -16.36 24.41 7.08
CA LEU A 150 -17.47 24.67 6.20
C LEU A 150 -18.78 24.86 6.96
N GLY A 151 -18.76 24.65 8.26
CA GLY A 151 -19.91 24.85 9.10
C GLY A 151 -20.31 23.73 10.03
N TRP A 152 -19.78 22.54 9.81
CA TRP A 152 -20.00 21.41 10.71
C TRP A 152 -19.06 21.51 11.90
N ASN A 153 -19.38 22.45 12.79
CA ASN A 153 -18.54 22.72 13.95
C ASN A 153 -19.41 23.18 15.11
N ASN A 154 -18.77 23.37 16.26
CA ASN A 154 -19.46 23.84 17.46
C ASN A 154 -19.19 25.31 17.75
N CYS A 155 -18.71 26.06 16.75
CA CYS A 155 -18.42 27.48 16.98
C CYS A 155 -19.68 28.28 17.26
N GLY A 156 -20.84 27.82 16.77
CA GLY A 156 -22.08 28.49 17.04
C GLY A 156 -22.53 28.40 18.48
N GLN A 157 -22.04 27.41 19.22
CA GLN A 157 -22.40 27.19 20.62
C GLN A 157 -21.14 27.08 21.46
N PRO A 158 -20.43 28.19 21.67
CA PRO A 158 -19.17 28.13 22.42
C PRO A 158 -19.41 27.97 23.91
N LYS A 159 -18.46 27.28 24.56
CA LYS A 159 -18.46 27.17 26.01
C LYS A 159 -18.05 28.51 26.62
N GLU A 160 -19.04 29.35 26.94
CA GLU A 160 -18.74 30.71 27.37
C GLU A 160 -18.12 30.73 28.77
N GLY A 161 -18.56 29.84 29.65
CA GLY A 161 -18.00 29.79 30.98
C GLY A 161 -16.54 29.40 30.99
N LYS A 162 -16.15 28.46 30.12
CA LYS A 162 -14.75 28.10 30.00
C LYS A 162 -13.93 29.25 29.43
N ALA A 163 -14.50 29.98 28.46
CA ALA A 163 -13.77 31.09 27.85
C ALA A 163 -13.61 32.25 28.84
N HIS A 164 -14.64 32.52 29.64
CA HIS A 164 -14.53 33.60 30.62
C HIS A 164 -13.55 33.23 31.73
N SER A 165 -13.54 31.97 32.16
CA SER A 165 -12.64 31.56 33.22
C SER A 165 -11.18 31.66 32.81
N GLN A 166 -10.90 31.54 31.52
CA GLN A 166 -9.54 31.68 31.00
C GLN A 166 -9.25 33.09 30.51
N GLY A 167 -10.18 34.02 30.71
CA GLY A 167 -9.94 35.40 30.32
C GLY A 167 -9.90 35.62 28.83
N CYS A 168 -10.55 34.77 28.05
CA CYS A 168 -10.58 34.94 26.61
C CYS A 168 -11.32 36.22 26.22
N GLY A 169 -10.91 36.82 25.12
CA GLY A 169 -11.58 38.00 24.61
C GLY A 169 -12.91 37.67 23.98
N GLU A 170 -13.64 38.72 23.62
CA GLU A 170 -14.93 38.54 22.97
C GLU A 170 -14.76 37.89 21.61
N GLY A 171 -15.59 36.89 21.33
CA GLY A 171 -15.48 36.14 20.11
C GLY A 171 -14.44 35.04 20.13
N GLN A 172 -13.78 34.82 21.27
CA GLN A 172 -12.76 33.79 21.39
C GLN A 172 -13.28 32.64 22.26
N VAL A 173 -12.63 31.49 22.11
CA VAL A 173 -12.94 30.31 22.90
C VAL A 173 -11.63 29.72 23.41
N ALA A 174 -11.74 28.92 24.46
CA ALA A 174 -10.63 28.06 24.87
C ALA A 174 -10.43 27.00 23.80
N CYS A 175 -9.28 27.02 23.12
CA CYS A 175 -9.06 26.18 21.95
C CYS A 175 -8.75 24.76 22.40
N LEU A 176 -9.76 23.90 22.33
CA LEU A 176 -9.64 22.49 22.65
C LEU A 176 -10.32 21.68 21.55
N PHE A 177 -9.74 20.52 21.21
CA PHE A 177 -10.21 19.75 20.06
C PHE A 177 -11.69 19.40 20.20
N GLU A 178 -12.06 18.76 21.31
CA GLU A 178 -13.42 18.25 21.45
C GLU A 178 -14.44 19.35 21.74
N ASP A 179 -13.99 20.58 21.98
CA ASP A 179 -14.92 21.69 22.13
C ASP A 179 -15.35 22.28 20.80
N VAL A 180 -14.50 22.20 19.76
CA VAL A 180 -14.81 22.83 18.49
C VAL A 180 -15.17 21.82 17.39
N VAL A 181 -14.59 20.62 17.41
CA VAL A 181 -14.83 19.62 16.39
C VAL A 181 -15.97 18.73 16.88
N PRO A 182 -17.08 18.62 16.16
CA PRO A 182 -18.18 17.76 16.62
C PRO A 182 -17.79 16.30 16.56
N MET A 183 -18.28 15.53 17.54
N MET A 183 -18.27 15.53 17.55
CA MET A 183 -17.93 14.12 17.59
CA MET A 183 -17.95 14.11 17.60
C MET A 183 -18.72 13.28 16.60
C MET A 183 -18.68 13.32 16.53
N ASN A 184 -19.87 13.77 16.13
CA ASN A 184 -20.59 13.05 15.07
C ASN A 184 -19.85 13.18 13.74
N TYR A 185 -19.16 14.31 13.51
CA TYR A 185 -18.27 14.39 12.36
C TYR A 185 -17.12 13.41 12.50
N MET A 186 -16.48 13.39 13.67
CA MET A 186 -15.30 12.54 13.86
C MET A 186 -15.64 11.06 13.73
N VAL A 187 -16.81 10.64 14.17
CA VAL A 187 -17.17 9.22 14.18
C VAL A 187 -17.83 8.80 12.88
N TYR A 188 -18.90 9.49 12.47
CA TYR A 188 -19.65 9.07 11.30
C TYR A 188 -18.94 9.45 10.00
N PHE A 189 -18.48 10.70 9.90
CA PHE A 189 -17.95 11.18 8.65
C PHE A 189 -16.47 10.82 8.50
N ASN A 190 -15.65 11.20 9.48
CA ASN A 190 -14.22 10.99 9.36
C ASN A 190 -13.85 9.52 9.55
N PHE A 191 -14.25 8.92 10.67
CA PHE A 191 -13.83 7.55 10.97
C PHE A 191 -14.54 6.53 10.09
N PHE A 192 -15.87 6.46 10.19
CA PHE A 192 -16.60 5.41 9.49
C PHE A 192 -16.46 5.55 7.97
N ALA A 193 -16.78 6.74 7.44
CA ALA A 193 -16.85 6.90 6.00
C ALA A 193 -15.49 7.10 5.36
N CYS A 194 -14.64 7.95 5.96
CA CYS A 194 -13.41 8.39 5.30
C CYS A 194 -12.17 7.61 5.73
N VAL A 195 -12.24 6.85 6.82
CA VAL A 195 -11.11 6.05 7.29
C VAL A 195 -11.42 4.56 7.21
N LEU A 196 -12.52 4.14 7.85
CA LEU A 196 -12.82 2.71 7.96
C LEU A 196 -13.13 2.11 6.59
N VAL A 197 -14.01 2.76 5.82
CA VAL A 197 -14.37 2.22 4.51
C VAL A 197 -13.17 2.11 3.58
N PRO A 198 -12.32 3.14 3.41
CA PRO A 198 -11.13 2.96 2.57
C PRO A 198 -10.19 1.88 3.07
N LEU A 199 -10.04 1.74 4.38
CA LEU A 199 -9.16 0.68 4.91
C LEU A 199 -9.72 -0.69 4.61
N LEU A 200 -11.05 -0.86 4.70
CA LEU A 200 -11.66 -2.13 4.32
C LEU A 200 -11.53 -2.37 2.83
N LEU A 201 -11.54 -1.31 2.03
CA LEU A 201 -11.28 -1.46 0.59
C LEU A 201 -9.86 -1.93 0.33
N MET A 202 -8.88 -1.37 1.05
CA MET A 202 -7.49 -1.81 0.89
C MET A 202 -7.36 -3.29 1.24
N LEU A 203 -7.99 -3.70 2.35
CA LEU A 203 -7.98 -5.11 2.72
C LEU A 203 -8.53 -5.99 1.59
N GLY A 204 -9.59 -5.53 0.97
CA GLY A 204 -10.20 -6.21 -0.15
C GLY A 204 -9.25 -6.31 -1.33
N VAL A 205 -8.60 -5.21 -1.65
CA VAL A 205 -7.64 -5.19 -2.72
C VAL A 205 -6.47 -6.11 -2.42
N TYR A 206 -5.97 -6.07 -1.18
CA TYR A 206 -4.87 -6.92 -0.83
C TYR A 206 -5.25 -8.40 -0.92
N LEU A 207 -6.45 -8.76 -0.51
CA LEU A 207 -6.88 -10.14 -0.62
C LEU A 207 -6.89 -10.60 -2.07
N ARG A 208 -7.37 -9.75 -2.96
CA ARG A 208 -7.36 -10.03 -4.37
C ARG A 208 -5.94 -10.14 -4.90
N ILE A 209 -5.02 -9.30 -4.44
CA ILE A 209 -3.64 -9.38 -4.90
C ILE A 209 -2.98 -10.72 -4.54
N PHE A 210 -3.15 -11.14 -3.29
CA PHE A 210 -2.56 -12.37 -2.84
C PHE A 210 -3.21 -13.59 -3.48
N ALA A 211 -4.51 -13.54 -3.68
CA ALA A 211 -5.22 -14.63 -4.35
C ALA A 211 -4.81 -14.73 -5.82
N ALA A 212 -4.55 -13.61 -6.45
CA ALA A 212 -4.12 -13.62 -7.83
C ALA A 212 -2.74 -14.21 -7.92
N ALA A 213 -1.87 -13.84 -7.00
CA ALA A 213 -0.53 -14.36 -6.97
C ALA A 213 -0.48 -15.86 -6.75
N ARG A 214 -1.28 -16.33 -5.82
CA ARG A 214 -1.30 -17.74 -5.52
C ARG A 214 -1.81 -18.53 -6.70
N ARG A 215 -2.86 -18.00 -7.32
CA ARG A 215 -3.44 -18.65 -8.47
C ARG A 215 -2.47 -18.71 -9.63
N GLN A 216 -1.72 -17.65 -9.85
CA GLN A 216 -0.78 -17.65 -10.90
C GLN A 216 0.33 -18.66 -10.68
N LEU A 217 0.99 -18.58 -9.54
CA LEU A 217 2.03 -19.51 -9.16
C LEU A 217 1.61 -20.96 -9.24
N ALA A 218 -1.16 -21.55 -8.90
CA ALA A 218 -0.75 -22.87 -9.23
C ALA A 218 -0.61 -22.99 -10.74
N ASP A 219 -0.87 -21.93 -11.52
CA ASP A 219 -0.88 -22.12 -12.97
C ASP A 219 0.50 -22.44 -13.52
N LEU A 220 1.54 -21.78 -13.00
CA LEU A 220 2.89 -22.06 -13.47
C LEU A 220 3.29 -23.50 -13.17
N GLU A 221 2.99 -23.95 -11.98
CA GLU A 221 3.33 -25.29 -11.55
C GLU A 221 2.48 -26.33 -12.24
N ASP A 222 1.23 -26.01 -12.52
CA ASP A 222 0.38 -26.93 -13.22
C ASP A 222 0.92 -27.16 -14.60
N ASN A 223 1.34 -26.10 -15.27
CA ASN A 223 1.88 -26.26 -16.60
C ASN A 223 3.17 -27.08 -16.56
N TRP A 224 4.04 -26.87 -15.59
CA TRP A 224 5.26 -27.66 -15.54
C TRP A 224 4.92 -29.14 -15.37
N GLU A 225 3.97 -29.46 -14.51
CA GLU A 225 3.60 -30.85 -14.31
C GLU A 225 2.99 -31.45 -15.53
N THR A 226 2.12 -30.71 -16.17
CA THR A 226 1.41 -31.18 -17.34
C THR A 226 2.30 -31.50 -18.51
N LEU A 227 3.31 -30.67 -18.74
CA LEU A 227 4.24 -30.94 -19.81
C LEU A 227 4.96 -32.26 -19.53
N ASN A 228 5.40 -32.43 -18.30
CA ASN A 228 6.08 -33.63 -17.88
C ASN A 228 5.21 -34.89 -17.93
N ASP A 229 3.96 -34.76 -17.56
CA ASP A 229 3.05 -35.88 -17.58
C ASP A 229 2.76 -36.28 -18.99
N ASN A 230 2.58 -35.31 -19.87
CA ASN A 230 2.32 -35.64 -21.26
C ASN A 230 3.55 -36.20 -21.97
N LEU A 231 4.76 -35.89 -21.49
CA LEU A 231 5.94 -36.56 -22.01
C LEU A 231 5.99 -38.02 -21.60
N LYS A 232 5.50 -38.34 -20.39
CA LYS A 232 5.51 -39.72 -19.94
C LYS A 232 4.48 -40.57 -20.68
N VAL A 233 3.30 -39.99 -20.94
N VAL A 233 3.30 -40.00 -20.96
CA VAL A 233 2.26 -40.71 -21.67
CA VAL A 233 2.29 -40.78 -21.66
C VAL A 233 2.73 -41.06 -23.08
C VAL A 233 2.69 -41.04 -23.11
N ILE A 234 3.49 -40.15 -23.70
CA ILE A 234 3.99 -40.41 -25.05
C ILE A 234 5.00 -41.55 -25.04
N GLU A 235 5.84 -41.61 -24.01
CA GLU A 235 6.87 -42.64 -23.95
C GLU A 235 6.26 -44.04 -23.86
N LYS A 236 5.26 -44.21 -23.00
CA LYS A 236 4.63 -45.50 -22.80
C LYS A 236 3.35 -45.68 -23.63
N ALA A 237 3.12 -44.81 -24.61
CA ALA A 237 2.03 -45.04 -25.55
C ALA A 237 2.36 -46.23 -26.46
N ASP A 238 1.32 -46.96 -26.88
CA ASP A 238 1.49 -48.12 -27.72
C ASP A 238 0.94 -47.96 -29.14
N ASN A 239 0.28 -46.85 -29.45
CA ASN A 239 -0.23 -46.61 -30.79
C ASN A 239 -0.06 -45.13 -31.12
N ALA A 240 -0.27 -44.80 -32.39
CA ALA A 240 -0.11 -43.45 -32.85
C ALA A 240 -1.17 -42.51 -32.34
N ALA A 241 -2.36 -43.02 -32.07
CA ALA A 241 -3.46 -42.17 -31.62
C ALA A 241 -3.20 -41.63 -30.21
N GLN A 242 -2.58 -42.45 -29.35
CA GLN A 242 -2.27 -41.99 -27.99
C GLN A 242 -1.19 -40.93 -28.01
N VAL A 243 -0.20 -41.07 -28.88
CA VAL A 243 0.83 -40.04 -29.01
C VAL A 243 0.21 -38.74 -29.50
N LYS A 244 -0.75 -38.87 -30.40
CA LYS A 244 -1.41 -37.71 -30.94
C LYS A 244 -2.23 -36.97 -29.91
N ASP A 245 -2.93 -37.71 -29.05
CA ASP A 245 -3.75 -37.12 -28.01
C ASP A 245 -2.91 -36.31 -27.02
N ALA A 246 -1.74 -36.83 -26.70
CA ALA A 246 -0.87 -36.16 -25.79
C ALA A 246 -0.23 -34.94 -26.45
N LEU A 247 0.23 -35.09 -27.67
CA LEU A 247 0.84 -33.98 -28.40
C LEU A 247 -0.15 -32.87 -28.66
N THR A 248 -1.38 -33.24 -28.96
CA THR A 248 -2.41 -32.27 -29.21
C THR A 248 -2.62 -31.46 -27.95
N LYS A 249 -2.68 -32.13 -26.82
CA LYS A 249 -2.83 -31.43 -25.60
C LYS A 249 -1.62 -30.59 -25.41
N MET A 250 -0.40 -31.10 -25.60
CA MET A 250 0.81 -30.28 -25.38
C MET A 250 0.82 -28.95 -26.15
N ARG A 251 0.57 -29.01 -27.42
CA ARG A 251 0.61 -27.86 -28.31
C ARG A 251 -0.27 -26.73 -27.80
N ALA A 252 -1.48 -27.04 -27.37
CA ALA A 252 -2.35 -26.04 -26.80
C ALA A 252 -1.73 -25.43 -25.55
N ALA A 253 -1.15 -26.23 -24.68
CA ALA A 253 -0.53 -25.72 -23.47
C ALA A 253 0.71 -24.88 -23.79
N ALA A 254 1.44 -25.24 -24.84
CA ALA A 254 2.63 -24.47 -25.21
C ALA A 254 2.25 -23.07 -25.66
N LEU A 255 1.24 -22.97 -26.53
CA LEU A 255 0.77 -21.65 -26.96
C LEU A 255 0.15 -20.86 -25.81
N ASP A 256 -0.50 -21.56 -24.87
CA ASP A 256 -1.09 -20.87 -23.72
C ASP A 256 -0.02 -20.30 -22.80
N ALA A 257 1.10 -21.02 -22.65
CA ALA A 257 2.21 -20.52 -21.84
C ALA A 257 3.03 -19.46 -22.56
N GLN A 258 2.87 -19.34 -23.88
CA GLN A 258 3.63 -18.35 -24.63
C GLN A 258 3.05 -16.95 -24.47
N LYS A 259 1.77 -16.84 -24.15
CA LYS A 259 1.12 -15.55 -23.94
C LYS A 259 1.61 -14.90 -22.65
N PRO A 273 16.99 -9.53 -24.55
CA PRO A 273 18.03 -10.50 -24.19
C PRO A 273 17.43 -11.84 -23.75
N GLU A 274 16.89 -11.87 -22.53
CA GLU A 274 16.20 -13.07 -22.06
C GLU A 274 14.93 -13.32 -22.86
N MET A 275 14.23 -12.26 -23.26
CA MET A 275 13.00 -12.41 -24.00
C MET A 275 13.25 -12.98 -25.40
N LYS A 276 14.42 -12.72 -25.97
CA LYS A 276 14.71 -13.26 -27.29
C LYS A 276 15.01 -14.75 -27.23
N ASP A 277 15.69 -15.19 -26.17
CA ASP A 277 15.96 -16.61 -25.99
C ASP A 277 14.74 -17.37 -25.49
N PHE A 278 13.83 -16.68 -24.79
CA PHE A 278 12.60 -17.34 -24.35
C PHE A 278 11.64 -17.53 -25.51
N ARG A 279 11.51 -16.52 -26.38
CA ARG A 279 10.68 -16.69 -27.58
C ARG A 279 11.26 -17.74 -28.50
N HIS A 280 12.58 -17.80 -28.61
CA HIS A 280 13.22 -18.86 -29.40
C HIS A 280 12.97 -20.23 -28.76
N GLY A 281 12.94 -20.29 -27.43
CA GLY A 281 12.67 -21.55 -26.76
C GLY A 281 11.27 -22.06 -27.03
N PHE A 282 10.28 -21.16 -27.11
CA PHE A 282 8.93 -21.57 -27.44
C PHE A 282 8.74 -21.83 -28.92
N ASP A 283 9.54 -21.17 -29.78
CA ASP A 283 9.52 -21.51 -31.20
C ASP A 283 10.05 -22.93 -31.43
N ILE A 284 11.09 -23.31 -30.69
CA ILE A 284 11.60 -24.68 -30.77
C ILE A 284 10.57 -25.66 -30.21
N LEU A 285 9.93 -25.29 -29.10
CA LEU A 285 8.99 -26.20 -28.45
C LEU A 285 7.79 -26.50 -29.33
N VAL A 286 7.15 -25.45 -29.86
CA VAL A 286 5.98 -25.65 -30.72
C VAL A 286 6.39 -26.37 -32.01
N GLY A 287 7.54 -26.00 -32.58
CA GLY A 287 7.99 -26.68 -33.78
C GLY A 287 8.27 -28.15 -33.56
N GLN A 288 8.89 -28.48 -32.43
CA GLN A 288 9.15 -29.88 -32.12
C GLN A 288 7.87 -30.66 -31.86
N ILE A 289 6.86 -30.00 -31.28
CA ILE A 289 5.57 -30.66 -31.10
C ILE A 289 4.91 -30.91 -32.46
N ASP A 290 5.00 -29.93 -33.37
CA ASP A 290 4.44 -30.12 -34.71
C ASP A 290 5.16 -31.21 -35.47
N ASP A 291 6.46 -31.39 -35.26
CA ASP A 291 7.19 -32.45 -35.94
C ASP A 291 6.70 -33.82 -35.50
N ALA A 292 6.55 -34.02 -34.18
CA ALA A 292 6.08 -35.31 -33.69
C ALA A 292 4.61 -35.53 -34.02
N LEU A 293 3.81 -34.47 -34.05
CA LEU A 293 2.40 -34.61 -34.42
C LEU A 293 2.23 -35.08 -35.85
N LYS A 294 3.04 -34.54 -36.77
CA LYS A 294 2.96 -34.98 -38.15
C LYS A 294 3.36 -36.45 -38.29
N LEU A 295 4.34 -36.90 -37.50
CA LEU A 295 4.74 -38.30 -37.53
C LEU A 295 3.65 -39.18 -36.95
N ALA A 296 2.99 -38.72 -35.89
CA ALA A 296 1.89 -39.49 -35.30
C ALA A 296 0.70 -39.58 -36.24
N ASN A 297 0.41 -38.51 -36.99
CA ASN A 297 -0.71 -38.56 -37.92
C ASN A 297 -0.42 -39.51 -39.07
N GLU A 298 0.85 -39.77 -39.37
CA GLU A 298 1.25 -40.73 -40.39
C GLU A 298 1.31 -42.16 -39.87
N GLY A 299 1.00 -42.35 -38.60
CA GLY A 299 1.03 -43.65 -38.01
C GLY A 299 2.40 -44.13 -37.63
N LYS A 300 3.41 -43.28 -37.71
CA LYS A 300 4.74 -43.69 -37.32
C LYS A 300 4.95 -43.46 -35.84
N VAL A 301 4.51 -44.40 -35.01
CA VAL A 301 4.64 -44.23 -33.59
C VAL A 301 6.05 -44.14 -33.04
N LYS A 302 6.94 -45.02 -33.47
CA LYS A 302 8.30 -44.99 -32.97
C LYS A 302 9.00 -43.71 -33.34
N GLU A 303 8.79 -43.26 -34.56
CA GLU A 303 9.40 -42.02 -34.98
C GLU A 303 8.82 -40.83 -34.19
N ALA A 304 7.53 -40.84 -33.94
CA ALA A 304 6.89 -39.77 -33.19
C ALA A 304 7.43 -39.73 -31.77
N GLN A 305 7.56 -40.88 -31.15
CA GLN A 305 8.08 -40.95 -29.81
C GLN A 305 9.52 -40.42 -29.79
N ALA A 306 10.34 -40.88 -30.70
CA ALA A 306 11.73 -40.41 -30.74
C ALA A 306 11.79 -38.91 -30.96
N ALA A 307 10.88 -38.37 -31.78
CA ALA A 307 10.85 -36.92 -31.99
C ALA A 307 10.38 -36.20 -30.74
N ALA A 308 9.42 -36.78 -30.02
CA ALA A 308 8.96 -36.18 -28.77
C ALA A 308 10.02 -36.21 -27.69
N GLU A 309 11.00 -37.12 -27.79
CA GLU A 309 12.07 -37.16 -26.81
C GLU A 309 12.96 -35.92 -26.92
N GLN A 310 13.04 -35.31 -28.10
CA GLN A 310 13.81 -34.10 -28.28
C GLN A 310 13.25 -32.93 -27.47
N LEU A 311 11.97 -33.01 -27.08
CA LEU A 311 11.36 -31.94 -26.29
C LEU A 311 12.05 -31.80 -24.94
N LYS A 312 12.59 -32.89 -24.39
CA LYS A 312 13.27 -32.80 -23.10
C LYS A 312 14.51 -31.92 -23.18
N THR A 313 15.21 -31.93 -24.31
CA THR A 313 16.34 -31.03 -24.49
C THR A 313 15.87 -29.57 -24.45
N THR A 314 14.76 -29.27 -25.11
CA THR A 314 14.22 -27.90 -25.07
C THR A 314 13.72 -27.55 -23.67
N ARG A 315 13.17 -28.53 -22.96
CA ARG A 315 12.65 -28.26 -21.62
C ARG A 315 13.76 -27.88 -20.65
N ASN A 316 14.90 -28.57 -20.70
CA ASN A 316 15.98 -28.30 -19.78
C ASN A 316 16.66 -26.98 -20.09
N ALA A 317 16.89 -26.69 -21.37
CA ALA A 317 17.66 -25.52 -21.78
C ALA A 317 16.84 -24.25 -21.89
N TYR A 318 15.50 -24.35 -21.92
CA TYR A 318 14.67 -23.16 -22.13
C TYR A 318 13.50 -23.09 -21.17
N ILE A 319 12.65 -24.13 -21.18
CA ILE A 319 11.36 -24.06 -20.50
C ILE A 319 11.56 -23.95 -18.99
N GLN A 320 12.50 -24.72 -18.43
CA GLN A 320 12.71 -24.66 -16.98
C GLN A 320 13.24 -23.31 -16.54
N LYS A 321 14.04 -22.65 -17.38
CA LYS A 321 14.53 -21.32 -17.03
C LYS A 321 13.42 -20.29 -17.07
N TYR A 322 12.40 -20.49 -17.91
CA TYR A 322 11.29 -19.55 -17.98
C TYR A 322 10.34 -19.74 -16.80
N LEU A 323 10.08 -20.98 -16.41
CA LEU A 323 9.15 -21.31 -15.33
C LEU A 323 9.44 -20.53 -14.06
N GLU A 324 12.51 -20.74 -13.95
CA GLU A 324 12.38 -20.32 -12.57
C GLU A 324 12.24 -18.80 -12.47
N ARG A 325 12.23 -18.14 -13.62
CA ARG A 325 12.22 -16.67 -13.67
C ARG A 325 10.82 -16.10 -13.56
N ALA A 326 9.81 -16.77 -14.14
CA ALA A 326 8.43 -16.33 -13.93
C ALA A 326 8.03 -16.50 -12.46
N ARG A 327 8.48 -17.57 -11.84
CA ARG A 327 8.18 -17.83 -10.46
C ARG A 327 8.87 -16.82 -9.59
N SER A 328 10.11 -16.52 -9.93
CA SER A 328 10.89 -15.55 -9.20
C SER A 328 10.24 -14.18 -9.26
N THR A 329 9.74 -13.80 -10.42
CA THR A 329 9.10 -12.50 -10.55
C THR A 329 7.85 -12.41 -9.67
N LEU A 330 7.06 -13.46 -9.64
CA LEU A 330 5.86 -13.49 -8.83
C LEU A 330 6.19 -13.37 -7.35
N GLN A 331 7.26 -14.03 -6.91
CA GLN A 331 7.67 -13.99 -5.52
C GLN A 331 8.03 -12.59 -5.11
N LYS A 332 8.72 -11.88 -5.98
CA LYS A 332 9.07 -10.50 -5.74
C LYS A 332 7.84 -9.65 -5.63
N GLU A 333 6.82 -9.90 -6.45
CA GLU A 333 5.57 -9.20 -6.31
C GLU A 333 4.86 -9.53 -5.01
N VAL A 334 4.86 -10.79 -4.59
CA VAL A 334 4.23 -11.13 -3.34
C VAL A 334 4.94 -10.39 -2.21
N HIS A 335 6.26 -10.37 -2.23
CA HIS A 335 7.06 -9.68 -1.27
C HIS A 335 6.79 -8.19 -1.25
N ALA A 336 6.73 -7.56 -2.41
CA ALA A 336 6.47 -6.13 -2.46
C ALA A 336 5.06 -5.81 -2.00
N ALA A 337 4.09 -6.69 -2.29
CA ALA A 337 2.73 -6.47 -1.84
C ALA A 337 2.59 -6.63 -0.33
N LYS A 338 3.38 -7.53 0.26
CA LYS A 338 3.35 -7.69 1.71
C LYS A 338 3.95 -6.48 2.42
N SER A 339 5.02 -5.91 1.87
CA SER A 339 5.62 -4.72 2.46
C SER A 339 4.64 -3.56 2.43
N ALA A 340 3.93 -3.38 1.31
CA ALA A 340 2.94 -2.30 1.23
C ALA A 340 1.76 -2.56 2.15
N ALA A 341 1.35 -3.82 2.30
CA ALA A 341 0.26 -4.14 3.22
C ALA A 341 0.65 -3.89 4.66
N ILE A 342 1.92 -4.13 5.01
CA ILE A 342 2.39 -3.84 6.36
C ILE A 342 2.26 -2.35 6.66
N ILE A 343 2.59 -1.51 5.68
CA ILE A 343 2.46 -0.06 5.85
C ILE A 343 1.00 0.32 6.10
N ALA A 344 0.07 -0.26 5.32
CA ALA A 344 -1.34 0.06 5.52
C ALA A 344 -1.83 -0.48 6.86
N GLY A 345 -1.36 -1.64 7.27
CA GLY A 345 -1.76 -2.22 8.54
C GLY A 345 -1.33 -1.40 9.73
N LEU A 346 -0.11 -0.90 9.67
CA LEU A 346 0.48 -0.05 10.68
C LEU A 346 -0.27 1.26 10.80
N PHE A 347 -0.75 1.80 9.70
CA PHE A 347 -1.54 3.00 9.75
C PHE A 347 -2.81 2.72 10.55
N ALA A 348 -3.44 1.59 10.28
CA ALA A 348 -4.63 1.22 11.01
C ALA A 348 -4.35 1.00 12.48
N LEU A 349 -3.28 0.31 12.81
CA LEU A 349 -2.94 0.04 14.18
C LEU A 349 -2.64 1.33 14.93
N CYS A 350 -1.92 2.21 14.28
CA CYS A 350 -1.59 3.48 14.83
C CYS A 350 -2.73 4.44 15.05
N TRP A 351 -3.73 4.48 14.18
CA TRP A 351 -4.83 5.41 14.31
C TRP A 351 -6.10 4.90 14.96
N LEU A 352 -6.30 3.60 14.97
CA LEU A 352 -7.54 3.02 15.52
C LEU A 352 -7.78 3.35 16.99
N PRO A 353 -6.78 3.30 17.85
CA PRO A 353 -7.02 3.62 19.26
C PRO A 353 -7.68 4.98 19.47
N LEU A 354 -7.21 6.02 18.81
CA LEU A 354 -7.81 7.34 18.91
C LEU A 354 -9.23 7.34 18.36
N HIS A 355 -9.46 6.65 17.25
CA HIS A 355 -10.81 6.59 16.68
C HIS A 355 -11.75 5.80 17.58
N ILE A 356 -11.26 4.72 18.19
CA ILE A 356 -12.10 3.92 19.08
C ILE A 356 -12.47 4.71 20.32
N ILE A 357 -11.53 5.48 20.87
CA ILE A 357 -11.83 6.34 22.01
C ILE A 357 -12.92 7.34 21.65
N ASN A 358 -12.84 7.93 20.46
CA ASN A 358 -13.88 8.86 20.02
C ASN A 358 -15.23 8.16 19.94
N CYS A 359 -15.25 6.89 19.55
CA CYS A 359 -16.50 6.14 19.51
C CYS A 359 -17.07 5.97 20.93
N PHE A 360 -16.22 5.72 21.91
CA PHE A 360 -16.70 5.62 23.29
C PHE A 360 -17.21 6.96 23.80
N THR A 361 -16.48 8.04 23.52
CA THR A 361 -16.96 9.37 23.89
C THR A 361 -18.32 9.66 23.27
N PHE A 362 -18.51 9.28 22.01
CA PHE A 362 -19.72 9.63 21.28
C PHE A 362 -20.87 8.69 21.62
N PHE A 363 -20.63 7.38 21.57
CA PHE A 363 -21.71 6.41 21.69
C PHE A 363 -22.12 6.11 23.12
N CYS A 364 -21.26 6.39 24.12
CA CYS A 364 -21.57 6.10 25.51
C CYS A 364 -21.47 7.38 26.34
N PRO A 365 -22.51 8.21 26.34
CA PRO A 365 -22.52 9.38 27.24
C PRO A 365 -22.59 9.00 28.71
N ASP A 366 -22.94 7.74 29.04
CA ASP A 366 -22.95 7.31 30.43
C ASP A 366 -21.58 6.82 30.90
N CYS A 367 -20.66 6.57 29.97
CA CYS A 367 -19.30 6.21 30.34
C CYS A 367 -18.50 7.47 30.66
N SER A 368 -17.66 7.38 31.68
CA SER A 368 -16.71 8.47 31.94
C SER A 368 -15.78 8.64 30.75
N HIS A 369 -15.47 9.89 30.43
CA HIS A 369 -14.57 10.18 29.32
C HIS A 369 -13.21 9.54 29.57
N ALA A 370 -12.59 9.04 28.51
CA ALA A 370 -11.24 8.50 28.63
C ALA A 370 -10.33 9.51 29.32
N PRO A 371 -9.47 9.07 30.23
CA PRO A 371 -8.65 10.03 30.98
C PRO A 371 -7.66 10.76 30.10
N LEU A 372 -7.18 11.89 30.61
CA LEU A 372 -6.31 12.76 29.81
C LEU A 372 -5.04 12.04 29.38
N TRP A 373 -4.46 11.21 30.27
CA TRP A 373 -3.23 10.52 29.91
C TRP A 373 -3.46 9.53 28.77
N LEU A 374 -4.65 8.91 28.70
CA LEU A 374 -4.95 8.00 27.61
C LEU A 374 -5.19 8.74 26.30
N MET A 375 -5.78 9.94 26.38
CA MET A 375 -5.91 10.78 25.19
C MET A 375 -4.54 11.15 24.63
N TYR A 376 -3.63 11.52 25.51
CA TYR A 376 -2.29 11.86 25.10
C TYR A 376 -1.63 10.64 24.47
N LEU A 377 -1.79 9.48 25.07
CA LEU A 377 -1.19 8.29 24.55
C LEU A 377 -1.75 7.96 23.16
N ALA A 378 -3.05 8.08 23.01
CA ALA A 378 -3.67 7.81 21.73
C ALA A 378 -3.19 8.78 20.67
N ILE A 379 -3.06 10.04 21.04
CA ILE A 379 -2.58 11.05 20.12
C ILE A 379 -1.14 10.78 19.67
N VAL A 380 -0.26 10.46 20.61
CA VAL A 380 1.13 10.19 20.27
C VAL A 380 1.27 8.95 19.38
N LEU A 381 0.46 7.95 19.64
CA LEU A 381 0.48 6.74 18.86
C LEU A 381 0.11 7.03 17.41
N ALA A 382 -0.88 7.90 17.21
CA ALA A 382 -1.29 8.30 15.90
C ALA A 382 -0.13 8.99 15.21
N HIS A 383 0.60 9.83 15.92
CA HIS A 383 1.71 10.56 15.33
C HIS A 383 2.90 9.65 15.04
N THR A 384 3.09 8.59 15.84
N THR A 384 3.09 8.59 15.84
CA THR A 384 4.19 7.67 15.63
CA THR A 384 4.20 7.68 15.61
C THR A 384 4.12 7.00 14.26
C THR A 384 4.11 6.98 14.26
N ASN A 385 2.93 6.92 13.65
CA ASN A 385 2.80 6.33 12.33
C ASN A 385 3.60 7.09 11.29
N SER A 386 3.80 8.40 11.50
CA SER A 386 4.62 9.19 10.60
C SER A 386 6.11 8.90 10.74
N VAL A 387 6.48 8.00 11.66
CA VAL A 387 7.87 7.61 11.83
C VAL A 387 8.17 6.24 11.23
N VAL A 388 7.18 5.34 11.18
CA VAL A 388 7.49 3.92 10.98
C VAL A 388 7.77 3.58 9.52
N ASN A 389 7.21 4.31 8.56
CA ASN A 389 7.36 3.93 7.15
C ASN A 389 8.82 3.90 6.68
N PRO A 390 9.66 4.92 6.94
CA PRO A 390 11.06 4.82 6.49
C PRO A 390 11.78 3.58 7.00
N PHE A 391 11.41 3.07 8.19
CA PHE A 391 12.04 1.87 8.70
C PHE A 391 11.55 0.61 7.98
N ILE A 392 10.29 0.60 7.55
CA ILE A 392 9.78 -0.55 6.81
C ILE A 392 10.45 -0.64 5.45
N TYR A 393 10.66 0.51 4.79
CA TYR A 393 11.33 0.51 3.49
C TYR A 393 12.77 0.05 3.62
N ALA A 394 13.44 0.45 4.70
CA ALA A 394 14.84 0.07 4.88
C ALA A 394 14.99 -1.42 5.18
N TYR A 395 14.06 -1.98 5.96
CA TYR A 395 14.16 -3.37 6.36
C TYR A 395 13.56 -4.34 5.34
N ARG A 396 12.76 -3.86 4.39
CA ARG A 396 12.07 -4.76 3.46
C ARG A 396 12.35 -4.49 1.99
N ILE A 397 12.89 -3.34 1.62
CA ILE A 397 13.17 -3.00 0.23
C ILE A 397 14.65 -2.71 0.10
N ARG A 398 15.36 -3.56 -0.66
CA ARG A 398 16.81 -3.42 -0.79
C ARG A 398 17.20 -2.09 -1.44
N GLU A 399 16.49 -1.72 -2.51
CA GLU A 399 16.87 -0.51 -3.25
C GLU A 399 16.77 0.73 -2.38
N PHE A 400 15.80 0.77 -1.47
CA PHE A 400 15.74 1.86 -0.51
C PHE A 400 16.87 1.76 0.51
N ARG A 401 17.06 0.58 1.06
CA ARG A 401 18.09 0.36 2.04
C ARG A 401 19.47 0.79 1.53
N GLN A 402 19.82 0.36 0.32
CA GLN A 402 21.11 0.72 -0.27
C GLN A 402 21.25 2.19 -0.50
N THR A 403 20.19 2.81 -0.98
CA THR A 403 20.19 4.23 -1.21
C THR A 403 20.33 5.00 0.08
N PHE A 404 19.68 4.52 1.14
CA PHE A 404 19.81 5.15 2.43
C PHE A 404 21.26 5.07 2.89
N ARG A 405 21.92 3.93 2.70
CA ARG A 405 23.31 3.81 3.13
C ARG A 405 24.21 4.81 2.43
N LYS A 406 24.02 4.98 1.13
CA LYS A 406 24.82 5.91 0.36
C LYS A 406 24.62 7.34 0.75
N ILE A 407 23.38 7.75 1.00
CA ILE A 407 23.12 9.09 1.41
C ILE A 407 23.75 9.38 2.76
N ILE A 408 23.61 8.45 3.69
CA ILE A 408 24.17 8.61 5.02
C ILE A 408 25.70 8.61 4.99
N ARG A 409 26.30 7.74 4.19
CA ARG A 409 27.75 7.70 4.11
C ARG A 409 28.23 8.99 3.53
N SER A 410 27.81 9.26 2.32
CA SER A 410 28.23 10.47 1.62
C SER A 410 27.72 11.71 2.34
#